data_5CED
#
_entry.id   5CED
#
_cell.length_a   51.540
_cell.length_b   59.160
_cell.length_c   192.040
_cell.angle_alpha   90.000
_cell.angle_beta   90.000
_cell.angle_gamma   90.000
#
_symmetry.space_group_name_H-M   'P 21 21 21'
#
loop_
_entity.id
_entity.type
_entity.pdbx_description
1 polymer Bd3459
2 polymer Bd3460
3 non-polymer 'OPEN FORM - PENICILLIN G'
4 water water
#
loop_
_entity_poly.entity_id
_entity_poly.type
_entity_poly.pdbx_seq_one_letter_code
_entity_poly.pdbx_strand_id
1 'polypeptide(L)'
;MKYSQCLKGEVVMIPALAKKILHVTVGTLLVSSAASMMVYLNSMCHMAANSKTQQIQGDDNKDDKFPLASISKVVTTLWA
VDRLGPDYRFKTKLHVTPTANGSYDIHIEGSRDPLFGRNMSYFLISELNRMKITKIEKLTFDENFLLAWLAEEKPMIGGT
TPKYDTVEQQASIVRATLTSSFATAISPGYYTILKTKAARIGVQMSNRPKIDVRTISFVKKAEFQKNEKSTTMVLMSAPL
KTILKRMNNQSNNYIADNLYWNLGGTEAFNAYIAGKMQADTSDIEFHNGSGNNEGSVAKPVYNEATCEMMIKVLYSLDKS
LSAKGYDLSDVMAVAAKDKASTVGSYGGVMAGSTTAKTGSVNKAKTLMGSVSTKNGEIYFAVLMHTDYDKSRSDWGVASQ
QIKNKVSQLINQNGGPKAIKYTEQLPLPFDKYSYLTKANTITTEKK
;
A
2 'polypeptide(L)'
;MKKSYLLAALIFFLAGLLHGTAFAMSGKSSKALNEAAEQGDLAKVKNLVQKNKIDLNAQDETGMTPLMNAAMGGNLDIVK
FLLSKKVNLELKNNGGETALAFAVTNDAYDVAEELIKAGANVDIIVAGDEGDTLFMRAAQNNKKTAESILAKNKSLINKA
NTLGETALFAVARYGTPADIDFLIKKGADLKLKNKKGQTALDVAKEASNQDTAKALSKKKLEHHHHHHHH
;
B
#
# COMPACT_ATOMS: atom_id res chain seq x y z
N MET A 38 -1.03 -20.64 10.50
CA MET A 38 0.41 -21.10 10.51
C MET A 38 1.09 -20.43 9.34
N VAL A 39 2.36 -20.10 9.53
CA VAL A 39 3.14 -19.47 8.51
C VAL A 39 4.20 -20.43 7.94
N TYR A 40 4.23 -20.56 6.62
CA TYR A 40 5.32 -21.22 5.93
C TYR A 40 5.39 -20.72 4.52
N LEU A 41 6.51 -21.02 3.85
CA LEU A 41 6.76 -20.54 2.47
C LEU A 41 5.99 -21.40 1.50
N ASN A 42 5.28 -20.77 0.60
CA ASN A 42 4.73 -21.48 -0.55
C ASN A 42 5.83 -21.56 -1.61
N SER A 43 6.35 -20.41 -2.08
CA SER A 43 7.45 -20.41 -3.04
C SER A 43 8.17 -19.08 -3.08
N MET A 44 9.49 -19.15 -3.28
CA MET A 44 10.28 -17.97 -3.57
C MET A 44 11.07 -18.21 -4.84
N CYS A 45 11.19 -17.17 -5.67
CA CYS A 45 12.01 -17.32 -6.85
C CYS A 45 12.69 -15.97 -7.16
N HIS A 46 13.75 -16.01 -7.94
CA HIS A 46 14.39 -14.80 -8.36
C HIS A 46 15.08 -14.98 -9.72
N MET A 47 15.47 -13.86 -10.31
CA MET A 47 16.24 -13.84 -11.54
C MET A 47 16.98 -12.51 -11.73
N ALA A 48 18.25 -12.57 -12.09
CA ALA A 48 19.01 -11.35 -12.45
C ALA A 48 18.38 -10.70 -13.65
N ALA A 49 18.14 -9.38 -13.58
CA ALA A 49 17.57 -8.61 -14.70
C ALA A 49 18.35 -8.71 -16.02
N ASN A 50 19.67 -8.71 -15.91
CA ASN A 50 20.59 -8.77 -17.07
C ASN A 50 21.04 -10.20 -17.43
N SER A 51 20.38 -11.21 -16.85
CA SER A 51 20.63 -12.63 -17.13
C SER A 51 20.59 -12.94 -18.62
N LYS A 52 21.66 -13.50 -19.15
CA LYS A 52 21.67 -13.88 -20.57
C LYS A 52 20.71 -15.03 -20.80
N THR A 53 20.86 -16.07 -19.98
CA THR A 53 20.07 -17.29 -20.11
C THR A 53 18.59 -17.15 -19.71
N GLN A 54 18.26 -16.11 -18.94
CA GLN A 54 16.92 -15.95 -18.39
C GLN A 54 16.38 -17.20 -17.70
N GLN A 55 17.23 -17.87 -16.91
CA GLN A 55 16.79 -18.98 -16.07
C GLN A 55 16.31 -18.41 -14.70
N ILE A 56 15.09 -18.76 -14.30
CA ILE A 56 14.48 -18.31 -13.04
C ILE A 56 14.94 -19.30 -11.98
N GLN A 57 15.64 -18.82 -10.94
CA GLN A 57 16.09 -19.66 -9.83
C GLN A 57 15.03 -19.67 -8.71
N GLY A 58 14.90 -20.82 -8.07
CA GLY A 58 14.14 -20.89 -6.83
C GLY A 58 13.77 -22.31 -6.51
N ASP A 59 12.82 -22.46 -5.60
CA ASP A 59 12.42 -23.77 -5.12
C ASP A 59 11.58 -24.54 -6.12
N ASP A 60 11.31 -25.79 -5.79
CA ASP A 60 10.54 -26.66 -6.69
C ASP A 60 9.08 -26.39 -6.74
N ASN A 61 8.59 -25.49 -5.91
CA ASN A 61 7.23 -25.03 -6.01
C ASN A 61 7.04 -23.78 -6.87
N LYS A 62 8.05 -23.35 -7.61
CA LYS A 62 7.99 -22.09 -8.38
C LYS A 62 7.05 -22.10 -9.59
N ASP A 63 6.63 -23.30 -9.98
CA ASP A 63 5.64 -23.56 -11.02
C ASP A 63 4.23 -23.97 -10.49
N ASP A 64 3.92 -23.71 -9.22
CA ASP A 64 2.62 -24.02 -8.62
C ASP A 64 1.85 -22.74 -8.38
N LYS A 65 0.54 -22.78 -8.58
CA LYS A 65 -0.25 -21.58 -8.37
C LYS A 65 -0.50 -21.37 -6.88
N PHE A 66 -0.31 -20.14 -6.42
CA PHE A 66 -0.71 -19.72 -5.09
C PHE A 66 -1.41 -18.35 -5.08
N PRO A 67 -2.21 -18.07 -3.99
CA PRO A 67 -2.82 -16.76 -3.89
C PRO A 67 -1.83 -15.64 -3.88
N LEU A 68 -2.13 -14.62 -4.67
CA LEU A 68 -1.23 -13.48 -4.83
C LEU A 68 -1.49 -12.28 -3.91
N ALA A 69 -2.76 -12.12 -3.48
CA ALA A 69 -3.26 -10.92 -2.86
C ALA A 69 -2.88 -9.67 -3.71
N SER A 70 -2.41 -8.59 -3.19
CA SER A 70 -2.34 -7.32 -3.85
C SER A 70 -1.07 -7.15 -4.70
N ILE A 71 -0.32 -8.24 -4.87
CA ILE A 71 0.74 -8.19 -5.92
C ILE A 71 0.10 -8.37 -7.28
N SER A 72 -1.15 -8.83 -7.27
CA SER A 72 -1.99 -8.80 -8.44
C SER A 72 -1.99 -7.43 -9.10
N LYS A 73 -1.89 -6.38 -8.28
CA LYS A 73 -1.89 -5.02 -8.81
C LYS A 73 -0.72 -4.74 -9.75
N VAL A 74 0.39 -5.46 -9.59
CA VAL A 74 1.54 -5.36 -10.45
C VAL A 74 1.27 -6.00 -11.81
N VAL A 75 0.50 -7.09 -11.82
CA VAL A 75 0.12 -7.72 -13.09
C VAL A 75 -0.82 -6.78 -13.84
N THR A 76 -1.77 -6.20 -13.11
CA THR A 76 -2.66 -5.20 -13.66
C THR A 76 -1.87 -3.99 -14.22
N THR A 77 -0.82 -3.61 -13.53
CA THR A 77 0.08 -2.54 -13.96
C THR A 77 0.70 -2.87 -15.31
N LEU A 78 1.19 -4.10 -15.46
CA LEU A 78 1.79 -4.51 -16.72
C LEU A 78 0.75 -4.39 -17.86
N TRP A 79 -0.44 -4.90 -17.62
CA TRP A 79 -1.48 -4.86 -18.63
C TRP A 79 -1.81 -3.43 -19.06
N ALA A 80 -2.05 -2.57 -18.08
CA ALA A 80 -2.32 -1.16 -18.36
C ALA A 80 -1.18 -0.48 -19.08
N VAL A 81 0.04 -0.77 -18.65
CA VAL A 81 1.21 -0.17 -19.27
C VAL A 81 1.31 -0.62 -20.75
N ASP A 82 1.04 -1.90 -21.00
CA ASP A 82 1.06 -2.45 -22.35
C ASP A 82 -0.10 -1.94 -23.24
N ARG A 83 -1.28 -1.80 -22.68
CA ARG A 83 -2.44 -1.41 -23.49
C ARG A 83 -2.56 0.11 -23.68
N LEU A 84 -2.13 0.90 -22.69
CA LEU A 84 -2.28 2.37 -22.75
C LEU A 84 -0.97 3.15 -22.90
N GLY A 85 0.12 2.65 -22.34
CA GLY A 85 1.37 3.39 -22.30
C GLY A 85 1.52 4.13 -20.98
N PRO A 86 2.75 4.31 -20.48
CA PRO A 86 2.93 4.94 -19.16
C PRO A 86 2.61 6.42 -19.12
N ASP A 87 2.67 7.07 -20.26
CA ASP A 87 2.34 8.48 -20.37
C ASP A 87 0.88 8.75 -20.75
N TYR A 88 0.06 7.72 -20.87
CA TYR A 88 -1.36 7.91 -21.26
C TYR A 88 -2.08 8.77 -20.24
N ARG A 89 -3.04 9.59 -20.70
CA ARG A 89 -3.87 10.39 -19.78
C ARG A 89 -5.36 10.21 -20.06
N PHE A 90 -6.14 10.14 -18.99
CA PHE A 90 -7.59 10.01 -19.12
C PHE A 90 -8.15 11.43 -19.33
N LYS A 91 -8.94 11.61 -20.38
CA LYS A 91 -9.33 12.94 -20.82
C LYS A 91 -10.80 13.07 -20.55
N THR A 92 -11.14 13.59 -19.39
CA THR A 92 -12.51 13.89 -19.07
C THR A 92 -12.91 15.19 -19.77
N LYS A 93 -14.05 15.15 -20.45
CA LYS A 93 -14.55 16.28 -21.24
C LYS A 93 -15.75 16.93 -20.55
N LEU A 94 -15.76 18.26 -20.55
CA LEU A 94 -16.88 19.05 -20.04
C LEU A 94 -17.47 19.83 -21.21
N HIS A 95 -18.78 19.67 -21.44
CA HIS A 95 -19.51 20.42 -22.47
C HIS A 95 -20.25 21.52 -21.78
N VAL A 96 -19.87 22.75 -22.07
CA VAL A 96 -20.23 23.89 -21.27
C VAL A 96 -21.01 24.87 -22.12
N THR A 97 -22.24 25.19 -21.70
CA THR A 97 -23.10 26.10 -22.46
C THR A 97 -23.59 27.22 -21.56
N PRO A 98 -23.47 28.51 -21.98
CA PRO A 98 -24.04 29.58 -21.15
C PRO A 98 -25.57 29.55 -21.18
N THR A 99 -26.21 29.94 -20.08
CA THR A 99 -27.69 30.01 -20.01
C THR A 99 -28.20 31.41 -19.71
N ALA A 100 -29.48 31.61 -20.05
CA ALA A 100 -30.14 32.92 -20.01
C ALA A 100 -29.57 33.91 -18.98
N ASN A 101 -29.46 33.46 -17.72
CA ASN A 101 -29.16 34.33 -16.57
C ASN A 101 -27.67 34.43 -16.18
N GLY A 102 -26.77 34.34 -17.16
CA GLY A 102 -25.34 34.28 -16.91
C GLY A 102 -24.88 33.09 -16.07
N SER A 103 -25.59 31.96 -16.18
CA SER A 103 -25.15 30.68 -15.58
C SER A 103 -24.71 29.73 -16.69
N TYR A 104 -24.40 28.49 -16.34
CA TYR A 104 -23.99 27.47 -17.33
C TYR A 104 -24.66 26.13 -17.11
N ASP A 105 -25.01 25.47 -18.21
CA ASP A 105 -25.22 24.00 -18.23
C ASP A 105 -23.91 23.31 -18.55
N ILE A 106 -23.64 22.19 -17.87
CA ILE A 106 -22.43 21.40 -18.06
C ILE A 106 -22.76 19.94 -18.15
N HIS A 107 -22.29 19.28 -19.21
CA HIS A 107 -22.33 17.81 -19.33
C HIS A 107 -20.93 17.24 -19.23
N ILE A 108 -20.70 16.34 -18.29
CA ILE A 108 -19.43 15.59 -18.20
C ILE A 108 -19.47 14.30 -19.03
N GLU A 109 -18.64 14.28 -20.06
CA GLU A 109 -18.41 13.08 -20.85
C GLU A 109 -17.18 12.42 -20.19
N GLY A 110 -17.42 11.38 -19.41
CA GLY A 110 -16.38 10.74 -18.61
C GLY A 110 -15.40 9.92 -19.43
N SER A 111 -14.22 9.69 -18.86
CA SER A 111 -13.13 8.94 -19.51
C SER A 111 -12.86 7.62 -18.81
N ARG A 112 -13.66 7.28 -17.80
CA ARG A 112 -13.41 6.13 -16.91
C ARG A 112 -12.06 6.21 -16.19
N ASP A 113 -11.56 7.43 -16.01
CA ASP A 113 -10.44 7.70 -15.11
C ASP A 113 -10.68 6.94 -13.78
N PRO A 114 -9.82 5.97 -13.43
CA PRO A 114 -10.05 5.18 -12.23
C PRO A 114 -9.53 5.87 -10.93
N LEU A 115 -9.07 7.11 -11.04
CA LEU A 115 -8.63 7.89 -9.89
C LEU A 115 -9.32 9.27 -9.89
N PHE A 116 -10.64 9.24 -9.94
CA PHE A 116 -11.44 10.46 -9.89
C PHE A 116 -12.26 10.41 -8.62
N GLY A 117 -11.66 10.88 -7.53
CA GLY A 117 -12.27 10.93 -6.22
C GLY A 117 -12.32 12.33 -5.69
N ARG A 118 -12.31 12.46 -4.37
CA ARG A 118 -12.30 13.73 -3.66
C ARG A 118 -11.28 14.71 -4.24
N ASN A 119 -10.05 14.24 -4.37
CA ASN A 119 -8.96 15.11 -4.78
C ASN A 119 -9.18 15.67 -6.19
N MET A 120 -9.59 14.80 -7.09
CA MET A 120 -9.79 15.21 -8.47
C MET A 120 -11.02 16.13 -8.58
N SER A 121 -12.04 15.86 -7.79
CA SER A 121 -13.22 16.71 -7.67
C SER A 121 -12.91 18.12 -7.16
N TYR A 122 -12.10 18.21 -6.11
CA TYR A 122 -11.68 19.49 -5.59
C TYR A 122 -10.89 20.27 -6.63
N PHE A 123 -10.06 19.58 -7.41
CA PHE A 123 -9.33 20.22 -8.47
C PHE A 123 -10.31 20.72 -9.53
N LEU A 124 -11.23 19.85 -9.96
CA LEU A 124 -12.26 20.29 -10.92
C LEU A 124 -12.98 21.55 -10.44
N ILE A 125 -13.38 21.57 -9.17
CA ILE A 125 -14.09 22.73 -8.64
C ILE A 125 -13.18 23.97 -8.71
N SER A 126 -11.94 23.82 -8.27
CA SER A 126 -10.97 24.90 -8.38
C SER A 126 -10.88 25.45 -9.84
N GLU A 127 -10.87 24.53 -10.80
CA GLU A 127 -10.76 24.88 -12.21
C GLU A 127 -12.00 25.59 -12.77
N LEU A 128 -13.18 25.13 -12.38
CA LEU A 128 -14.41 25.79 -12.74
C LEU A 128 -14.42 27.22 -12.20
N ASN A 129 -13.99 27.40 -10.95
CA ASN A 129 -13.87 28.74 -10.36
C ASN A 129 -12.94 29.64 -11.17
N ARG A 130 -11.74 29.14 -11.45
CA ARG A 130 -10.74 29.89 -12.21
C ARG A 130 -11.26 30.32 -13.57
N MET A 131 -12.14 29.50 -14.18
CA MET A 131 -12.85 29.85 -15.41
C MET A 131 -14.10 30.72 -15.18
N LYS A 132 -14.30 31.22 -13.97
CA LYS A 132 -15.53 31.90 -13.54
C LYS A 132 -16.86 31.14 -13.85
N ILE A 133 -16.83 29.83 -13.64
CA ILE A 133 -18.06 29.04 -13.61
C ILE A 133 -18.38 28.72 -12.15
N THR A 134 -19.29 29.48 -11.56
CA THR A 134 -19.80 29.19 -10.21
C THR A 134 -21.31 28.95 -10.14
N LYS A 135 -22.04 29.37 -11.17
CA LYS A 135 -23.48 29.23 -11.26
C LYS A 135 -23.75 28.14 -12.30
N ILE A 136 -24.11 26.95 -11.83
CA ILE A 136 -24.46 25.82 -12.71
C ILE A 136 -25.94 25.47 -12.59
N GLU A 137 -26.71 25.69 -13.66
CA GLU A 137 -28.14 25.33 -13.68
C GLU A 137 -28.32 23.81 -13.70
N LYS A 138 -27.78 23.17 -14.74
CA LYS A 138 -27.85 21.72 -14.95
C LYS A 138 -26.45 21.13 -15.11
N LEU A 139 -26.08 20.29 -14.15
CA LEU A 139 -24.92 19.38 -14.28
C LEU A 139 -25.36 17.97 -14.67
N THR A 140 -24.96 17.50 -15.84
CA THR A 140 -25.23 16.11 -16.24
C THR A 140 -23.95 15.34 -16.46
N PHE A 141 -24.06 14.02 -16.43
CA PHE A 141 -22.87 13.17 -16.59
C PHE A 141 -23.27 11.85 -17.25
N ASP A 142 -22.33 11.25 -18.00
CA ASP A 142 -22.59 9.95 -18.65
C ASP A 142 -22.04 8.77 -17.85
N GLU A 143 -22.18 7.56 -18.39
CA GLU A 143 -21.81 6.32 -17.67
C GLU A 143 -20.29 6.11 -17.51
N ASN A 144 -19.47 6.80 -18.32
CA ASN A 144 -18.01 6.69 -18.18
C ASN A 144 -17.43 7.63 -17.13
N PHE A 145 -18.30 8.39 -16.44
CA PHE A 145 -17.86 9.29 -15.39
C PHE A 145 -17.87 8.55 -14.06
N LEU A 146 -16.73 7.97 -13.71
CA LEU A 146 -16.59 7.15 -12.51
C LEU A 146 -16.17 8.09 -11.39
N LEU A 147 -16.94 8.08 -10.31
CA LEU A 147 -16.68 8.98 -9.21
C LEU A 147 -16.78 8.18 -7.96
N ALA A 148 -15.63 7.81 -7.37
CA ALA A 148 -15.61 7.24 -6.02
C ALA A 148 -14.94 8.21 -5.07
N TRP A 149 -15.71 8.70 -4.09
CA TRP A 149 -15.20 9.55 -3.01
C TRP A 149 -14.38 8.73 -2.02
N GLN A 170 -25.17 2.37 -11.05
CA GLN A 170 -23.99 3.24 -11.04
C GLN A 170 -24.37 4.73 -11.14
N ALA A 171 -25.28 5.07 -12.05
CA ALA A 171 -25.71 6.46 -12.26
C ALA A 171 -26.30 7.08 -10.97
N SER A 172 -27.27 6.35 -10.41
CA SER A 172 -27.88 6.69 -9.12
C SER A 172 -26.85 7.12 -8.03
N ILE A 173 -25.74 6.38 -7.96
CA ILE A 173 -24.73 6.55 -6.90
C ILE A 173 -23.84 7.77 -7.20
N VAL A 174 -23.40 7.91 -8.44
CA VAL A 174 -22.59 9.05 -8.89
C VAL A 174 -23.39 10.36 -8.71
N ARG A 175 -24.69 10.33 -9.05
CA ARG A 175 -25.60 11.49 -8.82
C ARG A 175 -25.62 11.88 -7.34
N ALA A 176 -25.76 10.88 -6.48
CA ALA A 176 -25.70 11.04 -5.02
C ALA A 176 -24.37 11.63 -4.53
N THR A 177 -23.23 11.06 -4.95
CA THR A 177 -21.91 11.62 -4.59
C THR A 177 -21.70 13.07 -5.13
N LEU A 178 -22.14 13.32 -6.37
CA LEU A 178 -22.10 14.68 -6.89
C LEU A 178 -22.89 15.66 -6.00
N THR A 179 -24.12 15.29 -5.64
CA THR A 179 -24.98 16.16 -4.83
C THR A 179 -24.38 16.26 -3.41
N SER A 180 -24.14 15.11 -2.79
CA SER A 180 -23.59 14.99 -1.43
C SER A 180 -22.26 15.69 -1.20
N SER A 181 -21.36 15.63 -2.19
CA SER A 181 -19.94 15.91 -1.96
C SER A 181 -19.35 16.98 -2.88
N PHE A 182 -19.44 16.73 -4.18
CA PHE A 182 -19.03 17.69 -5.21
C PHE A 182 -19.68 19.08 -5.00
N ALA A 183 -21.01 19.14 -5.10
CA ALA A 183 -21.78 20.40 -5.04
C ALA A 183 -21.88 21.02 -3.64
N THR A 184 -21.76 20.21 -2.60
CA THR A 184 -21.75 20.72 -1.23
C THR A 184 -20.47 21.51 -0.91
N ALA A 185 -20.42 21.99 0.33
CA ALA A 185 -19.23 22.63 0.88
C ALA A 185 -18.02 21.70 0.83
N ILE A 186 -16.88 22.33 0.59
CA ILE A 186 -15.60 21.67 0.52
C ILE A 186 -14.97 21.63 1.91
N SER A 187 -14.24 20.55 2.23
CA SER A 187 -13.52 20.47 3.49
C SER A 187 -12.28 21.37 3.47
N PRO A 188 -12.20 22.36 4.38
CA PRO A 188 -10.95 23.16 4.45
C PRO A 188 -9.76 22.28 4.84
N GLY A 189 -10.02 21.27 5.67
CA GLY A 189 -8.99 20.33 6.13
C GLY A 189 -8.36 19.64 4.94
N TYR A 190 -9.19 18.85 4.24
CA TYR A 190 -8.70 18.11 3.09
C TYR A 190 -8.23 19.09 1.98
N TYR A 191 -8.92 20.23 1.80
CA TYR A 191 -8.63 21.12 0.64
C TYR A 191 -7.28 21.78 0.75
N THR A 192 -6.98 22.35 1.91
CA THR A 192 -5.74 23.08 2.09
C THR A 192 -4.58 22.09 2.00
N ILE A 193 -4.71 20.95 2.68
CA ILE A 193 -3.73 19.85 2.54
C ILE A 193 -3.49 19.54 1.04
N LEU A 194 -4.57 19.40 0.27
CA LEU A 194 -4.43 19.14 -1.17
C LEU A 194 -3.76 20.33 -1.87
N LYS A 195 -4.26 21.54 -1.61
CA LYS A 195 -3.74 22.71 -2.24
C LYS A 195 -2.25 22.81 -1.97
N THR A 196 -1.83 22.63 -0.72
CA THR A 196 -0.42 22.74 -0.38
C THR A 196 0.37 21.61 -1.04
N LYS A 197 -0.20 20.41 -1.15
CA LYS A 197 0.45 19.33 -1.93
C LYS A 197 0.56 19.68 -3.41
N ALA A 198 -0.51 20.25 -3.94
CA ALA A 198 -0.57 20.70 -5.33
C ALA A 198 0.52 21.70 -5.64
N ALA A 199 0.69 22.67 -4.75
CA ALA A 199 1.82 23.62 -4.82
C ALA A 199 3.19 22.96 -4.91
N ARG A 200 3.41 21.87 -4.17
CA ARG A 200 4.70 21.13 -4.24
C ARG A 200 5.03 20.56 -5.61
N ILE A 201 4.02 20.28 -6.43
CA ILE A 201 4.23 19.88 -7.83
C ILE A 201 3.88 21.00 -8.80
N GLY A 202 3.84 22.24 -8.31
CA GLY A 202 3.66 23.44 -9.14
C GLY A 202 2.29 23.53 -9.80
N VAL A 203 1.25 23.09 -9.12
CA VAL A 203 -0.10 23.20 -9.62
C VAL A 203 -0.79 24.25 -8.78
N GLN A 204 -1.44 25.19 -9.47
CA GLN A 204 -2.14 26.29 -8.81
C GLN A 204 -3.59 25.92 -8.65
N MET A 205 -4.14 26.23 -7.47
CA MET A 205 -5.56 25.98 -7.13
C MET A 205 -6.16 27.24 -6.47
N SER A 206 -7.48 27.39 -6.55
CA SER A 206 -8.18 28.57 -6.01
CA SER A 206 -8.16 28.58 -6.02
C SER A 206 -8.21 28.56 -4.48
N ASN A 207 -8.32 29.76 -3.89
CA ASN A 207 -8.57 29.90 -2.45
C ASN A 207 -10.07 29.90 -2.30
N ARG A 208 -10.59 29.15 -1.34
CA ARG A 208 -12.04 29.09 -1.13
C ARG A 208 -12.81 28.99 -2.47
N PRO A 209 -12.57 27.91 -3.22
CA PRO A 209 -13.42 27.75 -4.40
C PRO A 209 -14.82 27.33 -3.97
N LYS A 210 -15.82 27.83 -4.67
CA LYS A 210 -17.19 27.42 -4.40
C LYS A 210 -17.97 27.25 -5.69
N ILE A 211 -18.89 26.28 -5.67
CA ILE A 211 -19.76 25.96 -6.79
C ILE A 211 -21.23 25.90 -6.34
N ASP A 212 -22.15 26.37 -7.20
CA ASP A 212 -23.61 26.32 -6.98
C ASP A 212 -24.30 25.59 -8.13
N VAL A 213 -24.91 24.45 -7.80
CA VAL A 213 -25.52 23.53 -8.78
C VAL A 213 -26.99 23.32 -8.41
N ARG A 214 -27.89 23.79 -9.26
CA ARG A 214 -29.31 23.61 -9.03
C ARG A 214 -29.74 22.17 -9.26
N THR A 215 -29.40 21.60 -10.43
CA THR A 215 -29.89 20.27 -10.84
C THR A 215 -28.77 19.36 -11.34
N ILE A 216 -28.83 18.09 -10.96
CA ILE A 216 -27.84 17.08 -11.33
C ILE A 216 -28.56 15.89 -11.90
N SER A 217 -28.10 15.34 -13.00
CA SER A 217 -28.78 14.19 -13.59
C SER A 217 -27.92 13.38 -14.53
N PHE A 218 -28.30 12.12 -14.70
CA PHE A 218 -27.59 11.16 -15.53
C PHE A 218 -28.10 11.26 -16.96
N VAL A 219 -27.19 11.33 -17.92
CA VAL A 219 -27.54 11.40 -19.32
C VAL A 219 -26.57 10.47 -20.06
N LYS A 220 -27.11 9.39 -20.63
CA LYS A 220 -26.31 8.37 -21.32
C LYS A 220 -25.51 8.98 -22.46
N LYS A 221 -24.29 8.47 -22.62
CA LYS A 221 -23.39 8.91 -23.69
C LYS A 221 -24.10 8.89 -25.04
N ALA A 222 -24.66 7.72 -25.37
CA ALA A 222 -25.39 7.50 -26.64
C ALA A 222 -26.51 8.51 -26.90
N GLU A 223 -27.14 8.99 -25.83
CA GLU A 223 -28.26 9.95 -25.91
C GLU A 223 -27.86 11.44 -25.72
N PHE A 224 -26.58 11.75 -25.60
CA PHE A 224 -26.16 13.17 -25.43
C PHE A 224 -25.86 13.83 -26.78
N GLN A 225 -26.40 15.03 -26.99
CA GLN A 225 -25.92 15.88 -28.09
C GLN A 225 -25.53 17.24 -27.55
N LYS A 226 -24.30 17.65 -27.85
CA LYS A 226 -23.81 18.96 -27.43
C LYS A 226 -24.58 20.05 -28.18
N ASN A 227 -24.98 21.08 -27.45
CA ASN A 227 -25.64 22.24 -28.02
C ASN A 227 -24.62 22.88 -28.95
N GLU A 228 -25.06 23.52 -30.02
CA GLU A 228 -24.09 24.18 -30.93
C GLU A 228 -23.49 25.42 -30.28
N LYS A 229 -24.14 25.95 -29.24
CA LYS A 229 -23.60 27.03 -28.41
C LYS A 229 -22.63 26.54 -27.31
N SER A 230 -22.37 25.23 -27.23
CA SER A 230 -21.52 24.68 -26.19
C SER A 230 -20.02 24.74 -26.56
N THR A 231 -19.20 24.82 -25.52
CA THR A 231 -17.76 24.75 -25.62
C THR A 231 -17.28 23.46 -24.92
N THR A 232 -16.37 22.75 -25.59
CA THR A 232 -15.82 21.51 -25.10
C THR A 232 -14.49 21.79 -24.42
N MET A 233 -14.41 21.47 -23.14
CA MET A 233 -13.20 21.65 -22.31
C MET A 233 -12.72 20.27 -21.87
N VAL A 234 -11.42 20.12 -21.65
CA VAL A 234 -10.84 18.83 -21.26
C VAL A 234 -10.11 19.00 -19.93
N LEU A 235 -10.34 18.04 -19.04
CA LEU A 235 -9.64 17.96 -17.78
C LEU A 235 -8.90 16.61 -17.84
N MET A 236 -7.62 16.69 -18.12
CA MET A 236 -6.79 15.51 -18.24
C MET A 236 -6.31 15.03 -16.87
N SER A 237 -6.28 13.71 -16.68
CA SER A 237 -5.60 13.11 -15.51
C SER A 237 -4.09 13.37 -15.58
N ALA A 238 -3.43 13.17 -14.44
CA ALA A 238 -2.02 12.88 -14.44
C ALA A 238 -1.74 11.65 -15.38
N PRO A 239 -0.50 11.51 -15.83
CA PRO A 239 -0.19 10.34 -16.63
C PRO A 239 -0.42 9.02 -15.89
N LEU A 240 -0.66 7.96 -16.66
CA LEU A 240 -0.99 6.65 -16.09
C LEU A 240 0.06 6.21 -15.09
N LYS A 241 1.34 6.45 -15.39
CA LYS A 241 2.41 6.02 -14.48
C LYS A 241 2.19 6.56 -13.03
N THR A 242 1.70 7.79 -12.90
CA THR A 242 1.37 8.38 -11.59
C THR A 242 0.17 7.67 -10.92
N ILE A 243 -0.87 7.44 -11.71
CA ILE A 243 -2.00 6.65 -11.23
C ILE A 243 -1.53 5.28 -10.72
N LEU A 244 -0.69 4.62 -11.49
CA LEU A 244 -0.21 3.30 -11.10
C LEU A 244 0.67 3.37 -9.85
N LYS A 245 1.52 4.39 -9.77
CA LYS A 245 2.29 4.67 -8.56
C LYS A 245 1.39 4.83 -7.32
N ARG A 246 0.36 5.65 -7.42
CA ARG A 246 -0.57 5.82 -6.31
C ARG A 246 -1.18 4.45 -5.95
N MET A 247 -1.60 3.71 -6.95
CA MET A 247 -2.26 2.41 -6.72
C MET A 247 -1.35 1.46 -5.96
N ASN A 248 -0.10 1.40 -6.40
CA ASN A 248 0.86 0.43 -5.90
C ASN A 248 1.54 0.84 -4.62
N ASN A 249 1.49 2.12 -4.25
CA ASN A 249 1.93 2.56 -2.94
C ASN A 249 1.05 1.94 -1.81
N GLN A 250 -0.25 2.15 -1.88
CA GLN A 250 -1.22 1.40 -1.08
C GLN A 250 -2.59 1.85 -1.57
N SER A 251 -3.53 0.92 -1.74
CA SER A 251 -4.87 1.26 -2.25
C SER A 251 -5.84 0.19 -1.86
N ASN A 252 -7.10 0.56 -1.76
CA ASN A 252 -8.13 -0.44 -1.69
C ASN A 252 -8.27 -0.99 -3.12
N ASN A 253 -9.31 -1.78 -3.34
CA ASN A 253 -9.44 -2.51 -4.59
C ASN A 253 -9.80 -1.61 -5.81
N TYR A 254 -10.31 -0.40 -5.52
CA TYR A 254 -10.97 0.45 -6.50
C TYR A 254 -10.15 0.72 -7.79
N ILE A 255 -8.96 1.29 -7.65
CA ILE A 255 -8.21 1.67 -8.83
C ILE A 255 -7.91 0.44 -9.69
N ALA A 256 -7.31 -0.58 -9.08
CA ALA A 256 -6.93 -1.83 -9.77
C ALA A 256 -8.09 -2.49 -10.43
N ASP A 257 -9.21 -2.61 -9.72
CA ASP A 257 -10.36 -3.32 -10.27
C ASP A 257 -10.98 -2.54 -11.44
N ASN A 258 -11.04 -1.20 -11.34
CA ASN A 258 -11.55 -0.39 -12.42
C ASN A 258 -10.63 -0.39 -13.64
N LEU A 259 -9.31 -0.40 -13.43
CA LEU A 259 -8.41 -0.62 -14.58
C LEU A 259 -8.66 -1.92 -15.30
N TYR A 260 -8.74 -3.00 -14.52
CA TYR A 260 -8.94 -4.35 -15.04
C TYR A 260 -10.23 -4.46 -15.86
N TRP A 261 -11.31 -3.86 -15.37
CA TRP A 261 -12.60 -3.80 -16.08
C TRP A 261 -12.53 -2.90 -17.32
N ASN A 262 -11.94 -1.72 -17.19
CA ASN A 262 -11.78 -0.79 -18.32
C ASN A 262 -11.07 -1.48 -19.48
N LEU A 263 -10.07 -2.32 -19.17
CA LEU A 263 -9.29 -3.03 -20.22
C LEU A 263 -9.96 -4.26 -20.80
N GLY A 264 -11.13 -4.62 -20.28
CA GLY A 264 -11.97 -5.68 -20.80
C GLY A 264 -12.24 -6.84 -19.85
N GLY A 265 -11.75 -6.76 -18.62
CA GLY A 265 -11.97 -7.83 -17.64
C GLY A 265 -11.31 -9.18 -17.96
N THR A 266 -11.85 -10.24 -17.34
CA THR A 266 -11.18 -11.55 -17.31
C THR A 266 -10.94 -12.15 -18.71
N GLU A 267 -11.93 -12.06 -19.59
CA GLU A 267 -11.78 -12.59 -20.96
C GLU A 267 -10.61 -11.96 -21.68
N ALA A 268 -10.58 -10.63 -21.66
CA ALA A 268 -9.50 -9.89 -22.30
C ALA A 268 -8.19 -10.15 -21.58
N PHE A 269 -8.21 -10.26 -20.26
CA PHE A 269 -6.96 -10.55 -19.54
C PHE A 269 -6.40 -11.93 -19.95
N ASN A 270 -7.25 -12.94 -19.96
CA ASN A 270 -6.82 -14.29 -20.36
C ASN A 270 -6.19 -14.33 -21.75
N ALA A 271 -6.86 -13.65 -22.70
CA ALA A 271 -6.33 -13.43 -24.03
C ALA A 271 -5.00 -12.68 -24.06
N TYR A 272 -4.87 -11.62 -23.28
CA TYR A 272 -3.62 -10.86 -23.24
C TYR A 272 -2.45 -11.68 -22.71
N ILE A 273 -2.66 -12.35 -21.59
CA ILE A 273 -1.55 -13.05 -20.90
C ILE A 273 -1.12 -14.29 -21.71
N ALA A 274 -2.09 -14.92 -22.39
CA ALA A 274 -1.84 -16.02 -23.31
C ALA A 274 -0.93 -15.59 -24.46
N GLY A 275 -1.24 -14.48 -25.09
CA GLY A 275 -0.41 -13.93 -26.17
C GLY A 275 0.95 -13.48 -25.70
N LYS A 276 0.94 -12.73 -24.60
CA LYS A 276 2.13 -12.11 -24.01
C LYS A 276 3.15 -13.12 -23.47
N MET A 277 2.67 -14.15 -22.80
CA MET A 277 3.52 -15.06 -22.01
C MET A 277 3.36 -16.53 -22.34
N GLN A 278 2.45 -16.91 -23.26
CA GLN A 278 2.11 -18.32 -23.52
C GLN A 278 1.60 -18.98 -22.24
N ALA A 279 0.90 -18.19 -21.43
CA ALA A 279 0.43 -18.61 -20.11
C ALA A 279 -1.00 -19.09 -20.23
N ASP A 280 -1.30 -20.21 -19.58
CA ASP A 280 -2.66 -20.73 -19.53
C ASP A 280 -3.14 -20.67 -18.09
N THR A 281 -4.30 -21.24 -17.79
CA THR A 281 -4.84 -21.15 -16.44
C THR A 281 -4.01 -21.90 -15.38
N SER A 282 -3.20 -22.87 -15.78
CA SER A 282 -2.31 -23.56 -14.87
C SER A 282 -1.12 -22.68 -14.43
N ASP A 283 -0.89 -21.57 -15.13
CA ASP A 283 0.13 -20.62 -14.79
C ASP A 283 -0.46 -19.44 -14.02
N ILE A 284 -1.68 -19.03 -14.36
CA ILE A 284 -2.23 -17.77 -13.83
C ILE A 284 -3.72 -17.74 -14.09
N GLU A 285 -4.48 -17.45 -13.03
CA GLU A 285 -5.93 -17.46 -13.04
C GLU A 285 -6.42 -16.22 -12.29
N PHE A 286 -6.90 -15.24 -13.03
CA PHE A 286 -7.37 -13.97 -12.46
C PHE A 286 -8.86 -13.81 -12.50
N HIS A 287 -9.41 -13.15 -11.48
CA HIS A 287 -10.81 -12.76 -11.45
C HIS A 287 -11.04 -11.27 -11.27
N ASN A 288 -10.02 -10.53 -10.85
CA ASN A 288 -10.11 -9.10 -10.71
C ASN A 288 -8.74 -8.50 -10.80
N GLY A 289 -8.67 -7.17 -10.68
CA GLY A 289 -7.41 -6.46 -10.78
C GLY A 289 -6.60 -6.38 -9.49
N SER A 290 -7.27 -6.50 -8.34
CA SER A 290 -6.72 -6.18 -7.03
C SER A 290 -6.17 -7.40 -6.27
N GLY A 291 -6.64 -8.60 -6.61
CA GLY A 291 -6.31 -9.82 -5.89
C GLY A 291 -7.17 -10.09 -4.63
N ASN A 292 -8.18 -9.26 -4.39
CA ASN A 292 -9.07 -9.41 -3.24
C ASN A 292 -10.04 -10.58 -3.50
N ASN A 293 -10.56 -11.15 -2.43
CA ASN A 293 -11.44 -12.29 -2.48
C ASN A 293 -12.74 -11.92 -3.18
N GLU A 294 -13.08 -12.67 -4.21
CA GLU A 294 -14.36 -12.51 -4.95
C GLU A 294 -15.49 -13.31 -4.30
N GLY A 295 -15.15 -14.44 -3.70
CA GLY A 295 -16.14 -15.29 -3.07
C GLY A 295 -16.36 -14.93 -1.61
N SER A 296 -16.33 -15.92 -0.74
CA SER A 296 -16.62 -15.77 0.68
C SER A 296 -15.48 -16.33 1.51
N VAL A 297 -15.66 -16.29 2.82
CA VAL A 297 -14.71 -16.94 3.71
C VAL A 297 -14.96 -18.47 3.69
N ALA A 298 -16.22 -18.90 3.53
CA ALA A 298 -16.50 -20.28 3.12
C ALA A 298 -15.79 -20.54 1.77
N LYS A 299 -16.39 -20.02 0.68
CA LYS A 299 -15.92 -20.23 -0.72
C LYS A 299 -15.02 -19.08 -1.21
N PRO A 300 -13.72 -19.12 -0.92
CA PRO A 300 -12.87 -17.99 -1.35
C PRO A 300 -12.46 -18.14 -2.78
N VAL A 301 -12.37 -17.02 -3.49
CA VAL A 301 -11.90 -17.01 -4.85
C VAL A 301 -10.82 -15.92 -4.96
N TYR A 302 -9.57 -16.34 -5.03
CA TYR A 302 -8.41 -15.44 -5.10
C TYR A 302 -7.73 -15.56 -6.47
N ASN A 303 -7.24 -14.45 -7.04
CA ASN A 303 -6.27 -14.53 -8.12
C ASN A 303 -5.10 -15.36 -7.65
N GLU A 304 -4.66 -16.27 -8.51
CA GLU A 304 -3.51 -17.09 -8.21
C GLU A 304 -2.60 -17.12 -9.41
N ALA A 305 -1.34 -17.38 -9.14
CA ALA A 305 -0.35 -17.54 -10.19
C ALA A 305 0.90 -18.15 -9.62
N THR A 306 1.81 -18.55 -10.51
CA THR A 306 3.05 -19.18 -10.08
C THR A 306 4.05 -18.06 -9.79
N CYS A 307 5.04 -18.42 -8.98
CA CYS A 307 6.14 -17.56 -8.64
C CYS A 307 6.96 -17.18 -9.90
N GLU A 308 7.23 -18.16 -10.77
CA GLU A 308 7.82 -17.88 -12.09
C GLU A 308 7.06 -16.84 -12.90
N MET A 309 5.73 -16.93 -12.91
CA MET A 309 4.95 -15.93 -13.61
C MET A 309 5.15 -14.54 -13.09
N MET A 310 5.25 -14.40 -11.76
CA MET A 310 5.57 -13.10 -11.18
C MET A 310 6.93 -12.53 -11.65
N ILE A 311 7.94 -13.38 -11.79
CA ILE A 311 9.21 -12.96 -12.34
C ILE A 311 9.08 -12.49 -13.82
N LYS A 312 8.30 -13.22 -14.62
CA LYS A 312 8.08 -12.86 -16.02
C LYS A 312 7.34 -11.54 -16.12
N VAL A 313 6.34 -11.35 -15.26
CA VAL A 313 5.63 -10.09 -15.19
C VAL A 313 6.59 -8.92 -14.89
N LEU A 314 7.47 -9.08 -13.90
CA LEU A 314 8.42 -8.04 -13.57
C LEU A 314 9.37 -7.77 -14.74
N TYR A 315 9.86 -8.84 -15.36
CA TYR A 315 10.73 -8.69 -16.49
C TYR A 315 10.08 -7.85 -17.59
N SER A 316 8.85 -8.20 -17.94
CA SER A 316 8.12 -7.57 -19.04
C SER A 316 7.73 -6.14 -18.69
N LEU A 317 7.36 -5.92 -17.42
CA LEU A 317 7.01 -4.59 -16.98
C LEU A 317 8.20 -3.68 -17.11
N ASP A 318 9.33 -4.16 -16.61
CA ASP A 318 10.58 -3.38 -16.66
C ASP A 318 10.98 -3.06 -18.12
N LYS A 319 10.85 -4.04 -19.00
CA LYS A 319 11.17 -3.85 -20.44
C LYS A 319 10.22 -2.79 -21.06
N SER A 320 8.92 -2.85 -20.77
CA SER A 320 7.99 -1.86 -21.36
C SER A 320 8.22 -0.48 -20.82
N LEU A 321 8.46 -0.36 -19.51
CA LEU A 321 8.81 0.94 -18.93
C LEU A 321 10.12 1.53 -19.47
N SER A 322 11.09 0.65 -19.63
CA SER A 322 12.41 1.06 -20.10
C SER A 322 12.34 1.69 -21.49
N ALA A 323 11.52 1.13 -22.37
CA ALA A 323 11.30 1.70 -23.71
C ALA A 323 10.81 3.16 -23.74
N LYS A 324 10.27 3.68 -22.62
CA LYS A 324 9.89 5.11 -22.54
C LYS A 324 10.76 5.94 -21.55
N GLY A 325 11.90 5.36 -21.13
CA GLY A 325 12.82 6.00 -20.16
C GLY A 325 12.43 5.83 -18.70
N TYR A 326 11.62 4.84 -18.34
CA TYR A 326 11.17 4.72 -16.96
C TYR A 326 11.75 3.48 -16.29
N ASP A 327 11.67 3.43 -14.96
CA ASP A 327 12.09 2.27 -14.17
C ASP A 327 10.88 1.73 -13.38
N LEU A 328 11.05 0.59 -12.73
CA LEU A 328 9.99 0.08 -11.82
C LEU A 328 9.59 1.07 -10.74
N SER A 329 10.55 1.89 -10.28
CA SER A 329 10.30 2.90 -9.25
C SER A 329 9.37 4.03 -9.68
N ASP A 330 9.11 4.11 -10.97
CA ASP A 330 8.09 5.03 -11.49
C ASP A 330 6.69 4.52 -11.36
N VAL A 331 6.52 3.23 -11.13
CA VAL A 331 5.18 2.71 -10.89
C VAL A 331 4.99 1.91 -9.62
N MET A 332 6.07 1.54 -8.93
CA MET A 332 6.04 0.73 -7.71
C MET A 332 6.80 1.45 -6.59
N ALA A 333 6.50 1.08 -5.35
CA ALA A 333 7.02 1.71 -4.17
C ALA A 333 8.47 1.31 -3.89
N VAL A 334 9.24 2.25 -3.34
CA VAL A 334 10.63 2.06 -2.98
C VAL A 334 10.70 1.99 -1.46
N ALA A 335 11.20 0.86 -0.99
CA ALA A 335 11.46 0.59 0.40
C ALA A 335 12.16 1.77 1.13
N ALA A 336 11.51 2.24 2.20
CA ALA A 336 11.96 3.32 3.07
C ALA A 336 11.99 4.68 2.45
N LYS A 337 11.65 4.82 1.17
CA LYS A 337 11.66 6.14 0.51
C LYS A 337 10.26 6.61 0.26
N ASP A 338 9.38 5.72 -0.22
CA ASP A 338 7.96 6.06 -0.40
C ASP A 338 7.21 5.89 0.91
N LYS A 339 7.11 6.99 1.66
CA LYS A 339 6.57 6.98 3.02
C LYS A 339 5.07 6.75 3.04
N ALA A 340 4.35 7.12 2.01
CA ALA A 340 2.91 6.83 1.93
C ALA A 340 2.61 5.44 1.33
N SER A 341 3.50 4.48 1.52
CA SER A 341 3.36 3.20 0.85
C SER A 341 3.48 2.15 1.93
N THR A 342 3.08 0.95 1.59
CA THR A 342 3.20 -0.20 2.52
C THR A 342 4.67 -0.56 2.85
N VAL A 343 5.66 -0.07 2.08
CA VAL A 343 7.06 -0.40 2.30
C VAL A 343 7.86 0.79 2.83
N GLY A 344 7.15 1.81 3.31
CA GLY A 344 7.74 3.05 3.84
C GLY A 344 8.63 2.85 5.04
N SER A 345 8.37 1.81 5.81
CA SER A 345 9.22 1.51 6.94
C SER A 345 10.01 0.24 6.77
N TYR A 346 10.17 -0.28 5.56
CA TYR A 346 11.05 -1.42 5.39
C TYR A 346 12.50 -0.93 5.72
N GLY A 347 13.18 -1.58 6.67
CA GLY A 347 14.55 -1.20 7.06
C GLY A 347 15.57 -2.23 6.60
N GLY A 348 16.80 -2.08 7.07
CA GLY A 348 17.87 -2.98 6.76
C GLY A 348 18.38 -2.76 5.33
N VAL A 349 18.91 -3.81 4.73
CA VAL A 349 19.56 -3.75 3.42
C VAL A 349 18.54 -3.43 2.32
N MET A 350 17.26 -3.74 2.56
CA MET A 350 16.19 -3.33 1.63
C MET A 350 15.97 -1.85 1.48
N ALA A 351 16.30 -1.05 2.52
CA ALA A 351 16.00 0.41 2.51
C ALA A 351 16.75 1.11 1.38
N GLY A 352 16.04 1.80 0.48
CA GLY A 352 16.66 2.49 -0.66
C GLY A 352 17.10 1.61 -1.82
N SER A 353 17.06 0.29 -1.67
CA SER A 353 17.56 -0.60 -2.71
C SER A 353 16.46 -1.41 -3.35
N THR A 354 15.27 -1.44 -2.75
CA THR A 354 14.29 -2.44 -3.08
C THR A 354 13.04 -1.74 -3.57
N THR A 355 12.53 -2.16 -4.75
CA THR A 355 11.29 -1.64 -5.28
C THR A 355 10.29 -2.79 -5.22
N ALA A 356 9.14 -2.61 -4.57
CA ALA A 356 8.31 -3.75 -4.31
C ALA A 356 6.86 -3.44 -4.00
N LYS A 357 6.02 -4.45 -4.21
CA LYS A 357 4.61 -4.44 -3.89
C LYS A 357 4.30 -5.54 -2.89
N THR A 358 3.47 -5.23 -1.90
CA THR A 358 3.08 -6.18 -0.84
C THR A 358 1.70 -6.73 -1.15
N GLY A 359 1.37 -7.84 -0.51
CA GLY A 359 0.02 -8.35 -0.50
C GLY A 359 -0.31 -9.07 0.81
N SER A 360 -1.57 -8.98 1.22
CA SER A 360 -2.07 -9.68 2.40
C SER A 360 -3.48 -10.12 2.11
N VAL A 361 -3.75 -11.41 2.25
CA VAL A 361 -5.12 -11.93 2.34
C VAL A 361 -5.15 -13.08 3.36
N ASN A 362 -6.32 -13.64 3.59
CA ASN A 362 -6.49 -14.63 4.63
C ASN A 362 -5.39 -15.71 4.55
N LYS A 363 -5.23 -16.27 3.37
CA LYS A 363 -4.31 -17.37 3.16
C LYS A 363 -2.93 -17.02 2.62
N ALA A 364 -2.61 -15.76 2.49
CA ALA A 364 -1.27 -15.41 1.95
C ALA A 364 -0.72 -14.06 2.34
N LYS A 365 0.58 -14.03 2.52
CA LYS A 365 1.32 -12.80 2.63
C LYS A 365 2.36 -12.85 1.51
N THR A 366 2.46 -11.76 0.73
CA THR A 366 3.27 -11.82 -0.48
C THR A 366 4.09 -10.56 -0.67
N LEU A 367 5.17 -10.69 -1.45
CA LEU A 367 5.98 -9.52 -1.87
C LEU A 367 6.67 -9.83 -3.21
N MET A 368 6.78 -8.85 -4.09
CA MET A 368 7.50 -9.01 -5.33
C MET A 368 8.08 -7.68 -5.75
N GLY A 369 9.16 -7.75 -6.51
CA GLY A 369 9.76 -6.54 -7.04
C GLY A 369 11.20 -6.80 -7.43
N SER A 370 12.02 -5.76 -7.31
CA SER A 370 13.42 -5.85 -7.64
C SER A 370 14.27 -5.40 -6.45
N VAL A 371 15.45 -6.00 -6.36
CA VAL A 371 16.49 -5.55 -5.45
C VAL A 371 17.68 -5.15 -6.27
N SER A 372 18.31 -4.06 -5.83
CA SER A 372 19.48 -3.47 -6.47
C SER A 372 20.66 -3.84 -5.56
N THR A 373 21.55 -4.68 -6.10
CA THR A 373 22.63 -5.24 -5.33
C THR A 373 23.89 -4.86 -6.03
N LYS A 374 25.01 -5.11 -5.37
CA LYS A 374 26.32 -4.95 -6.00
C LYS A 374 26.55 -5.85 -7.22
N ASN A 375 25.85 -6.96 -7.32
CA ASN A 375 25.92 -7.84 -8.47
C ASN A 375 24.89 -7.49 -9.54
N GLY A 376 24.10 -6.41 -9.38
CA GLY A 376 23.08 -6.01 -10.35
C GLY A 376 21.66 -6.05 -9.81
N GLU A 377 20.70 -5.70 -10.68
CA GLU A 377 19.25 -5.70 -10.40
C GLU A 377 18.76 -7.15 -10.46
N ILE A 378 17.98 -7.58 -9.45
CA ILE A 378 17.49 -8.96 -9.40
C ILE A 378 15.99 -8.91 -9.14
N TYR A 379 15.20 -9.59 -9.95
CA TYR A 379 13.76 -9.72 -9.70
C TYR A 379 13.54 -10.79 -8.66
N PHE A 380 12.48 -10.62 -7.85
CA PHE A 380 12.15 -11.59 -6.85
C PHE A 380 10.66 -11.61 -6.62
N ALA A 381 10.20 -12.76 -6.13
CA ALA A 381 8.84 -12.94 -5.63
C ALA A 381 8.84 -13.91 -4.48
N VAL A 382 8.13 -13.56 -3.40
CA VAL A 382 8.02 -14.39 -2.20
C VAL A 382 6.56 -14.55 -1.91
N LEU A 383 6.08 -15.80 -1.92
CA LEU A 383 4.68 -16.14 -1.68
C LEU A 383 4.61 -17.00 -0.40
N MET A 384 4.01 -16.45 0.65
CA MET A 384 3.97 -17.15 1.94
C MET A 384 2.54 -17.58 2.14
N HIS A 385 2.40 -18.70 2.83
CA HIS A 385 1.12 -19.18 3.30
C HIS A 385 0.86 -18.60 4.72
N THR A 386 -0.38 -18.18 5.00
CA THR A 386 -0.81 -17.77 6.34
C THR A 386 -2.19 -18.36 6.60
N ASP A 387 -2.61 -18.36 7.87
CA ASP A 387 -3.99 -18.68 8.24
C ASP A 387 -4.55 -17.58 9.14
N TYR A 388 -4.68 -16.41 8.54
CA TYR A 388 -5.05 -15.21 9.26
C TYR A 388 -6.41 -15.35 9.96
N ASP A 389 -7.32 -16.16 9.36
CA ASP A 389 -8.59 -16.53 10.02
C ASP A 389 -8.42 -17.13 11.38
N LYS A 390 -7.47 -18.04 11.51
CA LYS A 390 -7.23 -18.75 12.76
C LYS A 390 -6.25 -18.01 13.68
N SER A 391 -5.30 -17.23 13.11
CA SER A 391 -4.31 -16.50 13.93
C SER A 391 -3.99 -15.25 13.20
N ARG A 392 -4.58 -14.16 13.68
CA ARG A 392 -4.41 -12.84 13.03
C ARG A 392 -2.97 -12.37 13.09
N SER A 393 -2.20 -12.91 14.07
CA SER A 393 -0.79 -12.61 14.16
C SER A 393 0.03 -13.11 12.96
N ASP A 394 -0.50 -14.02 12.12
CA ASP A 394 0.28 -14.65 11.05
C ASP A 394 0.83 -13.61 10.04
N TRP A 395 0.05 -12.59 9.75
CA TRP A 395 0.54 -11.59 8.80
C TRP A 395 1.83 -10.96 9.25
N GLY A 396 1.88 -10.50 10.50
CA GLY A 396 3.13 -9.93 10.99
C GLY A 396 4.28 -10.94 11.00
N VAL A 397 3.98 -12.19 11.36
CA VAL A 397 5.03 -13.22 11.42
C VAL A 397 5.57 -13.40 9.98
N ALA A 398 4.65 -13.53 9.03
CA ALA A 398 5.04 -13.78 7.62
C ALA A 398 5.82 -12.60 7.04
N SER A 399 5.40 -11.40 7.43
CA SER A 399 6.00 -10.17 6.89
C SER A 399 7.49 -10.13 7.24
N GLN A 400 7.83 -10.44 8.51
CA GLN A 400 9.26 -10.43 8.85
C GLN A 400 10.04 -11.55 8.20
N GLN A 401 9.44 -12.71 8.03
CA GLN A 401 10.14 -13.80 7.35
C GLN A 401 10.41 -13.45 5.89
N ILE A 402 9.47 -12.79 5.24
CA ILE A 402 9.68 -12.32 3.88
C ILE A 402 10.81 -11.33 3.83
N LYS A 403 10.80 -10.37 4.76
CA LYS A 403 11.88 -9.40 4.82
C LYS A 403 13.25 -10.05 4.94
N ASN A 404 13.36 -11.02 5.84
CA ASN A 404 14.60 -11.68 6.06
C ASN A 404 15.10 -12.46 4.82
N LYS A 405 14.17 -13.09 4.12
CA LYS A 405 14.49 -13.82 2.88
C LYS A 405 14.99 -12.90 1.80
N VAL A 406 14.32 -11.76 1.66
CA VAL A 406 14.75 -10.81 0.66
C VAL A 406 16.11 -10.22 1.08
N SER A 407 16.30 -9.92 2.36
CA SER A 407 17.58 -9.40 2.86
C SER A 407 18.70 -10.41 2.60
N GLN A 408 18.39 -11.68 2.75
CA GLN A 408 19.39 -12.74 2.49
C GLN A 408 19.73 -12.79 0.99
N LEU A 409 18.74 -12.60 0.12
CA LEU A 409 19.02 -12.56 -1.31
C LEU A 409 20.01 -11.41 -1.62
N ILE A 410 19.83 -10.27 -0.98
CA ILE A 410 20.70 -9.13 -1.18
C ILE A 410 22.13 -9.45 -0.67
N ASN A 411 22.20 -10.01 0.55
CA ASN A 411 23.47 -10.42 1.18
C ASN A 411 24.27 -11.32 0.23
N GLN A 412 23.58 -12.30 -0.35
CA GLN A 412 24.21 -13.26 -1.26
C GLN A 412 24.69 -12.74 -2.62
N ASN A 413 24.33 -11.51 -2.92
CA ASN A 413 24.66 -10.84 -4.16
C ASN A 413 25.47 -9.61 -3.93
N GLY A 414 26.29 -9.66 -2.87
CA GLY A 414 27.26 -8.65 -2.53
C GLY A 414 26.71 -7.44 -1.82
N GLY A 415 25.48 -7.55 -1.32
CA GLY A 415 24.95 -6.48 -0.51
C GLY A 415 24.24 -5.48 -1.37
N PRO A 416 23.60 -4.52 -0.70
CA PRO A 416 22.75 -3.57 -1.39
C PRO A 416 23.52 -2.49 -2.12
N LYS A 417 22.83 -1.85 -3.07
CA LYS A 417 23.32 -0.70 -3.79
C LYS A 417 22.09 0.17 -3.98
N ALA A 418 22.13 1.38 -3.42
CA ALA A 418 21.03 2.32 -3.44
C ALA A 418 20.62 2.63 -4.88
N ILE A 419 19.31 2.67 -5.18
CA ILE A 419 18.86 3.17 -6.49
C ILE A 419 18.78 4.70 -6.50
N LYS A 420 18.78 5.26 -7.73
CA LYS A 420 18.53 6.71 -7.91
C LYS A 420 17.04 6.91 -7.85
N TYR A 421 16.59 7.62 -6.81
CA TYR A 421 15.15 7.86 -6.62
C TYR A 421 14.88 8.98 -5.63
N THR A 422 14.02 9.89 -6.02
CA THR A 422 13.45 10.83 -5.10
C THR A 422 11.96 10.56 -4.93
N GLU A 423 11.51 10.48 -3.70
CA GLU A 423 10.12 10.25 -3.35
C GLU A 423 9.17 11.09 -4.19
N GLN A 424 8.24 10.43 -4.87
CA GLN A 424 7.28 11.12 -5.75
C GLN A 424 6.04 11.42 -4.96
N LEU A 425 5.28 12.42 -5.37
CA LEU A 425 4.01 12.79 -4.76
C LEU A 425 2.86 12.56 -5.78
N PRO A 426 2.27 11.34 -5.79
CA PRO A 426 1.40 10.98 -6.90
C PRO A 426 -0.08 11.44 -6.73
N LEU A 427 -0.38 12.67 -7.17
CA LEU A 427 -1.74 13.23 -7.17
C LEU A 427 -2.45 12.81 -8.45
N PRO A 428 -3.79 12.87 -8.49
CA PRO A 428 -4.51 12.45 -9.70
C PRO A 428 -4.41 13.46 -10.88
N PHE A 429 -3.89 14.66 -10.62
CA PHE A 429 -3.69 15.69 -11.62
C PHE A 429 -2.27 16.16 -11.53
N ASP A 430 -1.82 16.85 -12.56
CA ASP A 430 -0.52 17.50 -12.51
C ASP A 430 -0.65 18.83 -13.23
N LYS A 431 0.47 19.44 -13.61
CA LYS A 431 0.40 20.76 -14.22
C LYS A 431 -0.21 20.79 -15.64
N TYR A 432 -0.50 19.65 -16.26
CA TYR A 432 -1.21 19.63 -17.56
C TYR A 432 -2.69 19.31 -17.45
N SER A 433 -3.20 19.19 -16.24
CA SER A 433 -4.56 18.81 -15.97
C SER A 433 -5.56 19.98 -15.97
N TYR A 434 -5.06 21.23 -16.07
CA TYR A 434 -5.92 22.44 -16.15
C TYR A 434 -6.99 22.31 -17.25
N LEU A 435 -8.22 22.72 -16.93
CA LEU A 435 -9.32 22.79 -17.90
C LEU A 435 -8.86 23.56 -19.10
N THR A 436 -8.94 22.96 -20.27
CA THR A 436 -8.50 23.60 -21.51
C THR A 436 -9.46 23.27 -22.65
N LYS A 437 -9.62 24.20 -23.58
CA LYS A 437 -10.49 23.98 -24.73
C LYS A 437 -9.91 22.84 -25.55
N ALA A 438 -10.74 21.88 -25.93
CA ALA A 438 -10.40 20.94 -27.02
C ALA A 438 -10.65 21.61 -28.36
N GLY B 27 -19.50 -8.30 28.61
CA GLY B 27 -20.38 -8.24 27.41
C GLY B 27 -19.89 -9.11 26.28
N LYS B 28 -20.45 -8.88 25.10
CA LYS B 28 -20.25 -9.74 23.95
C LYS B 28 -19.38 -8.98 22.96
N SER B 29 -18.54 -9.70 22.22
CA SER B 29 -17.85 -9.10 21.06
C SER B 29 -18.79 -9.01 19.84
N SER B 30 -18.54 -8.02 18.99
CA SER B 30 -19.27 -7.88 17.73
C SER B 30 -18.30 -8.12 16.57
N LYS B 31 -18.64 -9.09 15.72
CA LYS B 31 -17.94 -9.34 14.48
C LYS B 31 -17.97 -8.10 13.57
N ALA B 32 -19.13 -7.45 13.47
CA ALA B 32 -19.28 -6.21 12.66
C ALA B 32 -18.36 -5.08 13.14
N LEU B 33 -18.26 -4.86 14.45
CA LEU B 33 -17.36 -3.81 14.95
C LEU B 33 -15.91 -4.13 14.60
N ASN B 34 -15.51 -5.38 14.83
CA ASN B 34 -14.13 -5.79 14.60
C ASN B 34 -13.75 -5.67 13.12
N GLU B 35 -14.66 -6.08 12.23
CA GLU B 35 -14.42 -5.89 10.80
C GLU B 35 -14.31 -4.41 10.39
N ALA B 36 -15.20 -3.59 10.92
CA ALA B 36 -15.17 -2.17 10.65
C ALA B 36 -13.87 -1.51 11.09
N ALA B 37 -13.42 -1.85 12.29
CA ALA B 37 -12.20 -1.33 12.85
C ALA B 37 -10.98 -1.70 11.99
N GLU B 38 -10.92 -2.94 11.50
CA GLU B 38 -9.83 -3.35 10.62
C GLU B 38 -9.87 -2.67 9.28
N GLN B 39 -11.06 -2.58 8.69
CA GLN B 39 -11.19 -1.99 7.34
C GLN B 39 -11.02 -0.50 7.30
N GLY B 40 -11.21 0.15 8.44
CA GLY B 40 -11.01 1.58 8.56
C GLY B 40 -12.27 2.40 8.36
N ASP B 41 -13.44 1.81 8.63
CA ASP B 41 -14.75 2.48 8.51
C ASP B 41 -15.10 3.15 9.87
N LEU B 42 -14.62 4.36 10.04
CA LEU B 42 -14.86 5.14 11.24
C LEU B 42 -16.35 5.31 11.61
N ALA B 43 -17.20 5.63 10.63
CA ALA B 43 -18.60 5.93 10.95
C ALA B 43 -19.28 4.70 11.51
N LYS B 44 -19.02 3.55 10.89
CA LYS B 44 -19.64 2.29 11.35
C LYS B 44 -19.14 1.91 12.73
N VAL B 45 -17.84 2.10 12.98
CA VAL B 45 -17.30 1.91 14.33
C VAL B 45 -18.08 2.82 15.31
N LYS B 46 -18.29 4.08 14.95
CA LYS B 46 -18.98 5.00 15.86
C LYS B 46 -20.43 4.59 16.10
N ASN B 47 -21.12 4.19 15.04
CA ASN B 47 -22.49 3.65 15.15
C ASN B 47 -22.61 2.49 16.14
N LEU B 48 -21.73 1.51 16.02
CA LEU B 48 -21.83 0.31 16.85
C LEU B 48 -21.42 0.57 18.31
N VAL B 49 -20.42 1.41 18.51
CA VAL B 49 -19.89 1.70 19.84
C VAL B 49 -20.83 2.55 20.68
N GLN B 50 -21.22 3.71 20.16
CA GLN B 50 -21.97 4.72 20.93
C GLN B 50 -23.34 4.19 21.33
N LYS B 51 -23.93 3.35 20.47
CA LYS B 51 -25.12 2.55 20.81
C LYS B 51 -24.96 1.77 22.13
N ASN B 52 -23.74 1.31 22.41
CA ASN B 52 -23.33 0.71 23.72
C ASN B 52 -23.95 -0.66 24.02
N LYS B 53 -24.09 -1.45 22.96
CA LYS B 53 -24.51 -2.84 23.07
C LYS B 53 -23.26 -3.73 23.23
N ILE B 54 -22.06 -3.11 23.25
CA ILE B 54 -20.80 -3.82 23.04
C ILE B 54 -19.76 -3.44 24.09
N ASP B 55 -19.23 -4.44 24.76
CA ASP B 55 -18.10 -4.27 25.63
C ASP B 55 -16.84 -4.22 24.76
N LEU B 56 -16.15 -3.08 24.77
CA LEU B 56 -15.02 -2.82 23.90
C LEU B 56 -13.77 -3.61 24.24
N ASN B 57 -13.74 -4.16 25.45
CA ASN B 57 -12.70 -5.05 25.92
C ASN B 57 -13.04 -6.53 25.73
N ALA B 58 -14.23 -6.86 25.21
CA ALA B 58 -14.57 -8.27 24.95
C ALA B 58 -13.71 -8.75 23.75
N GLN B 59 -13.19 -9.97 23.88
CA GLN B 59 -12.33 -10.56 22.89
C GLN B 59 -13.12 -11.62 22.14
N ASP B 60 -12.89 -11.71 20.84
CA ASP B 60 -13.57 -12.71 20.03
C ASP B 60 -12.90 -14.08 20.13
N GLU B 61 -13.27 -14.95 19.22
CA GLU B 61 -12.89 -16.34 19.17
C GLU B 61 -11.36 -16.57 19.10
N THR B 62 -10.63 -15.65 18.43
CA THR B 62 -9.18 -15.76 18.37
C THR B 62 -8.49 -14.77 19.33
N GLY B 63 -9.25 -14.21 20.27
CA GLY B 63 -8.75 -13.27 21.25
C GLY B 63 -8.65 -11.83 20.79
N MET B 64 -9.24 -11.49 19.64
CA MET B 64 -9.09 -10.10 19.11
C MET B 64 -10.09 -9.13 19.73
N THR B 65 -9.60 -7.92 20.00
CA THR B 65 -10.42 -6.77 20.30
C THR B 65 -10.59 -5.78 19.13
N PRO B 66 -11.58 -4.89 19.24
CA PRO B 66 -11.64 -3.80 18.27
C PRO B 66 -10.31 -3.03 18.14
N LEU B 67 -9.66 -2.72 19.26
CA LEU B 67 -8.43 -1.96 19.17
C LEU B 67 -7.33 -2.71 18.39
N MET B 68 -7.21 -4.03 18.62
CA MET B 68 -6.23 -4.82 17.90
C MET B 68 -6.52 -4.81 16.40
N ASN B 69 -7.78 -4.92 16.05
CA ASN B 69 -8.19 -4.77 14.66
C ASN B 69 -7.81 -3.41 14.05
N ALA B 70 -8.13 -2.33 14.75
CA ALA B 70 -7.77 -0.99 14.28
C ALA B 70 -6.28 -0.83 14.14
N ALA B 71 -5.53 -1.31 15.13
CA ALA B 71 -4.06 -1.23 15.09
C ALA B 71 -3.45 -1.95 13.91
N MET B 72 -3.87 -3.21 13.73
CA MET B 72 -3.43 -4.06 12.64
C MET B 72 -3.67 -3.42 11.30
N GLY B 73 -4.83 -2.79 11.14
CA GLY B 73 -5.11 -2.14 9.87
C GLY B 73 -4.51 -0.75 9.67
N GLY B 74 -3.79 -0.24 10.67
CA GLY B 74 -3.12 1.05 10.52
C GLY B 74 -4.09 2.23 10.54
N ASN B 75 -5.22 2.08 11.26
CA ASN B 75 -6.33 3.03 11.14
C ASN B 75 -6.25 3.98 12.33
N LEU B 76 -5.50 5.05 12.17
CA LEU B 76 -5.16 5.94 13.28
C LEU B 76 -6.36 6.64 13.91
N ASP B 77 -7.28 7.12 13.07
CA ASP B 77 -8.51 7.77 13.58
C ASP B 77 -9.37 6.83 14.42
N ILE B 78 -9.46 5.57 14.02
CA ILE B 78 -10.22 4.60 14.80
C ILE B 78 -9.53 4.30 16.10
N VAL B 79 -8.19 4.21 16.04
CA VAL B 79 -7.41 4.00 17.26
C VAL B 79 -7.66 5.14 18.24
N LYS B 80 -7.61 6.37 17.75
CA LYS B 80 -7.82 7.52 18.62
C LYS B 80 -9.23 7.51 19.26
N PHE B 81 -10.23 7.15 18.44
CA PHE B 81 -11.60 7.04 18.90
C PHE B 81 -11.68 6.03 20.04
N LEU B 82 -11.09 4.86 19.81
CA LEU B 82 -11.10 3.81 20.83
C LEU B 82 -10.34 4.22 22.11
N LEU B 83 -9.23 4.92 21.94
CA LEU B 83 -8.49 5.39 23.09
C LEU B 83 -9.31 6.41 23.90
N SER B 84 -10.12 7.23 23.24
CA SER B 84 -10.95 8.19 23.95
C SER B 84 -12.01 7.45 24.81
N LYS B 85 -12.37 6.22 24.43
CA LYS B 85 -13.25 5.39 25.27
C LYS B 85 -12.55 4.62 26.39
N LYS B 86 -11.22 4.77 26.50
CA LYS B 86 -10.41 4.24 27.59
C LYS B 86 -10.38 2.72 27.61
N VAL B 87 -10.22 2.12 26.43
CA VAL B 87 -10.12 0.66 26.31
C VAL B 87 -8.82 0.14 26.94
N ASN B 88 -8.82 -1.12 27.36
CA ASN B 88 -7.63 -1.74 27.89
C ASN B 88 -6.60 -1.99 26.78
N LEU B 89 -5.40 -1.49 26.96
CA LEU B 89 -4.40 -1.55 25.89
C LEU B 89 -3.66 -2.88 25.85
N GLU B 90 -3.76 -3.66 26.93
CA GLU B 90 -2.85 -4.77 27.17
C GLU B 90 -3.44 -6.16 26.95
N LEU B 91 -4.66 -6.24 26.49
CA LEU B 91 -5.21 -7.54 26.19
C LEU B 91 -4.41 -8.15 25.00
N LYS B 92 -4.39 -9.48 24.96
CA LYS B 92 -3.59 -10.23 24.00
C LYS B 92 -4.47 -11.20 23.22
N ASN B 93 -4.23 -11.34 21.92
CA ASN B 93 -4.89 -12.40 21.13
C ASN B 93 -4.26 -13.76 21.35
N ASN B 94 -4.72 -14.76 20.60
CA ASN B 94 -4.12 -16.10 20.68
C ASN B 94 -2.63 -16.16 20.30
N GLY B 95 -2.12 -15.22 19.50
CA GLY B 95 -0.67 -15.21 19.22
C GLY B 95 0.11 -14.49 20.31
N GLY B 96 -0.57 -14.06 21.40
CA GLY B 96 0.08 -13.40 22.54
C GLY B 96 0.39 -11.92 22.33
N GLU B 97 -0.26 -11.28 21.35
CA GLU B 97 0.08 -9.96 20.89
C GLU B 97 -0.96 -8.94 21.39
N THR B 98 -0.45 -7.81 21.89
CA THR B 98 -1.26 -6.65 22.19
C THR B 98 -1.45 -5.79 20.95
N ALA B 99 -2.31 -4.80 21.11
CA ALA B 99 -2.55 -3.85 20.00
C ALA B 99 -1.26 -3.19 19.50
N LEU B 100 -0.37 -2.87 20.41
CA LEU B 100 0.91 -2.31 20.03
C LEU B 100 1.78 -3.29 19.22
N ALA B 101 1.82 -4.57 19.62
CA ALA B 101 2.52 -5.54 18.82
C ALA B 101 1.87 -5.65 17.45
N PHE B 102 0.54 -5.59 17.34
CA PHE B 102 -0.12 -5.64 16.01
C PHE B 102 0.34 -4.46 15.14
N ALA B 103 0.37 -3.25 15.75
CA ALA B 103 0.78 -2.07 15.03
C ALA B 103 2.23 -2.22 14.50
N VAL B 104 3.17 -2.52 15.38
CA VAL B 104 4.58 -2.63 14.98
C VAL B 104 4.79 -3.71 13.89
N THR B 105 4.23 -4.89 14.12
CA THR B 105 4.44 -6.04 13.25
C THR B 105 3.78 -5.88 11.86
N ASN B 106 2.74 -5.05 11.76
CA ASN B 106 2.11 -4.74 10.49
C ASN B 106 2.53 -3.37 9.97
N ASP B 107 3.65 -2.82 10.43
CA ASP B 107 4.26 -1.59 9.88
C ASP B 107 3.38 -0.33 10.02
N ALA B 108 2.46 -0.34 10.99
CA ALA B 108 1.57 0.80 11.24
C ALA B 108 2.24 1.63 12.36
N TYR B 109 3.33 2.32 11.98
CA TYR B 109 4.20 2.96 12.96
C TYR B 109 3.61 4.27 13.48
N ASP B 110 2.79 4.93 12.66
CA ASP B 110 1.89 6.03 13.14
C ASP B 110 1.01 5.58 14.31
N VAL B 111 0.35 4.44 14.15
CA VAL B 111 -0.47 3.89 15.23
C VAL B 111 0.41 3.51 16.41
N ALA B 112 1.58 2.92 16.12
CA ALA B 112 2.47 2.52 17.22
C ALA B 112 2.85 3.72 18.10
N GLU B 113 3.19 4.85 17.47
CA GLU B 113 3.56 6.03 18.22
C GLU B 113 2.38 6.55 19.03
N GLU B 114 1.20 6.51 18.45
CA GLU B 114 0.00 6.90 19.18
C GLU B 114 -0.17 6.03 20.43
N LEU B 115 0.00 4.72 20.28
CA LEU B 115 -0.23 3.79 21.41
C LEU B 115 0.79 3.97 22.50
N ILE B 116 2.06 4.13 22.12
CA ILE B 116 3.16 4.38 23.07
C ILE B 116 2.90 5.65 23.90
N LYS B 117 2.52 6.74 23.25
CA LYS B 117 2.09 7.97 23.93
C LYS B 117 0.88 7.80 24.83
N ALA B 118 -0.01 6.89 24.49
CA ALA B 118 -1.21 6.61 25.31
C ALA B 118 -0.92 5.68 26.49
N GLY B 119 0.31 5.20 26.60
CA GLY B 119 0.77 4.45 27.77
C GLY B 119 0.84 2.94 27.57
N ALA B 120 0.79 2.49 26.30
CA ALA B 120 0.85 1.09 25.98
C ALA B 120 2.20 0.53 26.46
N ASN B 121 2.19 -0.67 27.04
CA ASN B 121 3.40 -1.31 27.53
C ASN B 121 4.33 -1.64 26.33
N VAL B 122 5.57 -1.19 26.39
CA VAL B 122 6.52 -1.48 25.31
C VAL B 122 7.34 -2.71 25.54
N ASP B 123 7.31 -3.25 26.76
CA ASP B 123 8.13 -4.40 27.09
C ASP B 123 7.28 -5.65 26.85
N ILE B 124 7.09 -5.96 25.58
CA ILE B 124 6.21 -7.06 25.14
C ILE B 124 6.95 -7.88 24.04
N ILE B 125 6.36 -9.01 23.74
CA ILE B 125 6.90 -10.02 22.81
C ILE B 125 5.94 -10.06 21.63
N VAL B 126 6.47 -10.09 20.43
CA VAL B 126 5.64 -10.26 19.20
C VAL B 126 5.59 -11.72 18.83
N ALA B 127 4.63 -12.10 17.98
CA ALA B 127 4.39 -13.55 17.69
C ALA B 127 5.53 -14.15 16.85
N GLY B 128 5.66 -15.45 16.92
CA GLY B 128 6.58 -16.28 16.15
C GLY B 128 7.49 -17.04 17.08
N ASP B 129 8.20 -18.03 16.55
CA ASP B 129 9.01 -18.93 17.37
C ASP B 129 10.16 -18.28 18.12
N GLU B 130 10.74 -17.26 17.54
CA GLU B 130 11.91 -16.55 18.15
C GLU B 130 11.59 -15.80 19.47
N GLY B 131 10.34 -15.35 19.64
CA GLY B 131 9.99 -14.52 20.77
C GLY B 131 10.69 -13.15 20.71
N ASP B 132 10.73 -12.55 19.52
CA ASP B 132 11.38 -11.28 19.36
C ASP B 132 10.67 -10.27 20.27
N THR B 133 11.46 -9.31 20.78
CA THR B 133 10.90 -8.23 21.55
C THR B 133 10.32 -7.22 20.56
N LEU B 134 9.39 -6.44 21.04
CA LEU B 134 8.88 -5.33 20.29
C LEU B 134 9.99 -4.43 19.86
N PHE B 135 10.92 -4.13 20.76
CA PHE B 135 12.07 -3.32 20.41
C PHE B 135 12.82 -3.87 19.17
N MET B 136 13.06 -5.18 19.17
CA MET B 136 13.85 -5.81 18.10
C MET B 136 13.12 -5.68 16.80
N ARG B 137 11.80 -5.83 16.83
CA ARG B 137 11.06 -5.69 15.55
C ARG B 137 11.08 -4.26 15.04
N ALA B 138 10.87 -3.30 15.92
CA ALA B 138 10.92 -1.88 15.54
C ALA B 138 12.32 -1.50 15.04
N ALA B 139 13.33 -1.99 15.72
CA ALA B 139 14.71 -1.67 15.38
C ALA B 139 15.12 -2.11 13.99
N GLN B 140 14.55 -3.20 13.49
CA GLN B 140 14.84 -3.59 12.12
C GLN B 140 14.15 -2.71 11.06
N ASN B 141 13.15 -1.91 11.46
CA ASN B 141 12.28 -1.23 10.49
C ASN B 141 12.14 0.28 10.69
N ASN B 142 11.73 0.72 11.86
CA ASN B 142 11.38 2.12 12.08
C ASN B 142 12.16 2.67 13.28
N LYS B 143 13.16 3.49 12.97
CA LYS B 143 14.05 4.05 13.96
C LYS B 143 13.31 4.93 14.98
N LYS B 144 12.38 5.76 14.50
CA LYS B 144 11.61 6.63 15.39
C LYS B 144 10.91 5.86 16.48
N THR B 145 10.16 4.83 16.08
CA THR B 145 9.51 3.98 17.04
C THR B 145 10.46 3.21 17.94
N ALA B 146 11.56 2.70 17.39
CA ALA B 146 12.59 2.06 18.22
C ALA B 146 13.09 3.03 19.32
N GLU B 147 13.29 4.31 18.96
CA GLU B 147 13.70 5.30 19.93
C GLU B 147 12.60 5.55 20.97
N SER B 148 11.35 5.56 20.54
CA SER B 148 10.21 5.82 21.46
C SER B 148 10.09 4.70 22.48
N ILE B 149 10.34 3.47 22.05
CA ILE B 149 10.36 2.31 22.95
C ILE B 149 11.46 2.44 24.00
N LEU B 150 12.67 2.79 23.57
CA LEU B 150 13.77 2.92 24.53
C LEU B 150 13.60 4.09 25.49
N ALA B 151 12.89 5.15 25.08
CA ALA B 151 12.62 6.28 25.97
C ALA B 151 11.74 5.80 27.13
N LYS B 152 10.91 4.80 26.91
CA LYS B 152 10.14 4.18 27.99
C LYS B 152 10.99 3.23 28.84
N ASN B 153 11.88 2.46 28.24
CA ASN B 153 12.67 1.46 28.99
C ASN B 153 14.01 1.30 28.29
N LYS B 154 15.03 1.98 28.80
CA LYS B 154 16.34 2.04 28.16
C LYS B 154 17.02 0.67 28.15
N SER B 155 16.70 -0.19 29.14
CA SER B 155 17.27 -1.53 29.21
C SER B 155 16.87 -2.44 28.04
N LEU B 156 15.78 -2.14 27.32
CA LEU B 156 15.32 -3.03 26.23
C LEU B 156 16.36 -3.21 25.13
N ILE B 157 17.29 -2.25 24.99
CA ILE B 157 18.35 -2.32 23.99
C ILE B 157 19.05 -3.71 24.03
N ASN B 158 19.26 -4.24 25.24
CA ASN B 158 19.90 -5.53 25.44
C ASN B 158 19.00 -6.67 25.89
N LYS B 159 17.68 -6.55 25.79
CA LYS B 159 16.82 -7.67 26.22
C LYS B 159 16.78 -8.70 25.12
N ALA B 160 17.13 -9.94 25.45
CA ALA B 160 17.25 -10.98 24.44
C ALA B 160 15.93 -11.69 24.22
N ASN B 161 15.73 -12.24 23.03
CA ASN B 161 14.61 -13.09 22.70
C ASN B 161 14.84 -14.51 23.17
N THR B 162 13.93 -15.41 22.83
CA THR B 162 14.05 -16.84 23.24
C THR B 162 15.32 -17.54 22.87
N LEU B 163 15.92 -17.19 21.72
CA LEU B 163 17.16 -17.79 21.23
C LEU B 163 18.40 -17.10 21.83
N GLY B 164 18.19 -16.18 22.77
CA GLY B 164 19.29 -15.41 23.37
C GLY B 164 19.86 -14.31 22.46
N GLU B 165 19.06 -13.82 21.50
CA GLU B 165 19.48 -12.82 20.51
C GLU B 165 18.83 -11.46 20.75
N THR B 166 19.65 -10.39 20.69
CA THR B 166 19.19 -9.02 20.72
C THR B 166 19.01 -8.40 19.32
N ALA B 167 18.53 -7.16 19.27
CA ALA B 167 18.42 -6.43 17.97
C ALA B 167 19.71 -6.42 17.19
N LEU B 168 20.83 -6.31 17.90
CA LEU B 168 22.15 -6.37 17.29
C LEU B 168 22.32 -7.62 16.39
N PHE B 169 21.79 -8.76 16.85
CA PHE B 169 21.86 -10.01 16.08
C PHE B 169 21.02 -9.90 14.80
N ALA B 170 19.80 -9.37 14.91
CA ALA B 170 18.92 -9.31 13.78
C ALA B 170 19.53 -8.39 12.70
N VAL B 171 20.05 -7.27 13.14
CA VAL B 171 20.64 -6.28 12.27
C VAL B 171 21.97 -6.78 11.73
N ALA B 172 22.71 -7.54 12.54
CA ALA B 172 23.94 -8.18 12.04
C ALA B 172 23.59 -9.07 10.84
N ARG B 173 22.49 -9.80 10.93
CA ARG B 173 22.12 -10.63 9.80
C ARG B 173 21.65 -9.83 8.60
N TYR B 174 20.66 -8.94 8.82
CA TYR B 174 19.83 -8.41 7.75
C TYR B 174 19.84 -6.89 7.60
N GLY B 175 20.69 -6.24 8.39
CA GLY B 175 20.78 -4.80 8.38
C GLY B 175 22.07 -4.24 7.82
N THR B 176 22.31 -2.97 8.14
CA THR B 176 23.39 -2.18 7.61
C THR B 176 24.33 -1.71 8.74
N PRO B 177 25.56 -1.27 8.38
CA PRO B 177 26.47 -0.62 9.36
C PRO B 177 25.81 0.59 10.10
N ALA B 178 24.97 1.36 9.40
CA ALA B 178 24.25 2.48 10.03
C ALA B 178 23.24 1.96 11.08
N ASP B 179 22.61 0.82 10.82
CA ASP B 179 21.73 0.21 11.85
C ASP B 179 22.53 -0.23 13.07
N ILE B 180 23.70 -0.85 12.84
CA ILE B 180 24.61 -1.24 13.91
C ILE B 180 25.00 0.03 14.71
N ASP B 181 25.40 1.10 14.02
CA ASP B 181 25.78 2.36 14.73
C ASP B 181 24.63 2.89 15.57
N PHE B 182 23.42 2.89 15.00
CA PHE B 182 22.22 3.25 15.76
C PHE B 182 22.11 2.47 17.07
N LEU B 183 22.29 1.17 16.99
CA LEU B 183 22.11 0.31 18.13
C LEU B 183 23.22 0.55 19.16
N ILE B 184 24.44 0.75 18.68
CA ILE B 184 25.51 1.01 19.59
C ILE B 184 25.30 2.34 20.30
N LYS B 185 24.83 3.35 19.56
CA LYS B 185 24.52 4.64 20.18
C LYS B 185 23.46 4.54 21.29
N LYS B 186 22.55 3.56 21.20
CA LYS B 186 21.53 3.34 22.22
C LYS B 186 21.98 2.37 23.33
N GLY B 187 23.24 1.94 23.28
CA GLY B 187 23.82 1.19 24.39
C GLY B 187 23.91 -0.32 24.17
N ALA B 188 23.94 -0.77 22.91
CA ALA B 188 24.05 -2.21 22.62
C ALA B 188 25.38 -2.78 23.15
N ASP B 189 25.28 -3.92 23.85
CA ASP B 189 26.45 -4.65 24.38
C ASP B 189 26.95 -5.46 23.21
N LEU B 190 28.25 -5.37 22.93
CA LEU B 190 28.87 -6.04 21.80
C LEU B 190 29.30 -7.46 22.05
N LYS B 191 29.37 -7.86 23.30
CA LYS B 191 29.94 -9.14 23.70
C LYS B 191 28.92 -10.25 23.92
N LEU B 192 27.63 -9.96 23.78
CA LEU B 192 26.64 -10.98 24.12
C LEU B 192 26.71 -12.19 23.19
N LYS B 193 26.36 -13.35 23.73
CA LYS B 193 26.32 -14.59 22.96
C LYS B 193 24.96 -15.16 23.04
N ASN B 194 24.47 -15.67 21.90
CA ASN B 194 23.15 -16.28 21.86
C ASN B 194 23.20 -17.67 22.47
N LYS B 195 22.10 -18.43 22.41
CA LYS B 195 22.07 -19.74 23.05
C LYS B 195 22.95 -20.79 22.37
N LYS B 196 23.31 -20.54 21.12
CA LYS B 196 24.24 -21.40 20.40
C LYS B 196 25.68 -21.04 20.70
N GLY B 197 25.93 -20.04 21.53
CA GLY B 197 27.30 -19.56 21.73
C GLY B 197 27.81 -18.63 20.64
N GLN B 198 26.94 -18.11 19.77
CA GLN B 198 27.37 -17.17 18.74
C GLN B 198 27.23 -15.69 19.17
N THR B 199 28.22 -14.90 18.76
CA THR B 199 28.16 -13.45 18.82
C THR B 199 27.38 -12.90 17.63
N ALA B 200 27.00 -11.63 17.71
CA ALA B 200 26.43 -10.96 16.57
C ALA B 200 27.39 -11.01 15.34
N LEU B 201 28.68 -10.89 15.55
CA LEU B 201 29.65 -11.03 14.43
C LEU B 201 29.52 -12.43 13.80
N ASP B 202 29.44 -13.46 14.63
CA ASP B 202 29.28 -14.82 14.12
C ASP B 202 28.05 -14.95 13.22
N VAL B 203 26.93 -14.39 13.64
CA VAL B 203 25.73 -14.54 12.81
C VAL B 203 25.76 -13.69 11.55
N ALA B 204 26.45 -12.58 11.59
CA ALA B 204 26.67 -11.74 10.39
C ALA B 204 27.41 -12.57 9.36
N LYS B 205 28.46 -13.29 9.78
CA LYS B 205 29.21 -14.05 8.80
C LYS B 205 28.37 -15.21 8.23
N GLU B 206 27.65 -15.91 9.11
CA GLU B 206 26.83 -17.03 8.72
C GLU B 206 25.77 -16.59 7.72
N ALA B 207 25.25 -15.38 7.85
CA ALA B 207 24.26 -14.85 6.93
C ALA B 207 24.84 -14.18 5.69
N SER B 208 26.16 -14.24 5.49
CA SER B 208 26.87 -13.62 4.36
C SER B 208 26.68 -12.11 4.28
N ASN B 209 26.50 -11.45 5.41
CA ASN B 209 26.37 -10.00 5.42
C ASN B 209 27.74 -9.40 5.61
N GLN B 210 28.38 -9.14 4.49
CA GLN B 210 29.76 -8.64 4.45
C GLN B 210 29.92 -7.38 5.21
N ASP B 211 29.02 -6.46 4.96
CA ASP B 211 29.12 -5.11 5.50
C ASP B 211 28.96 -5.02 7.00
N THR B 212 27.99 -5.72 7.57
CA THR B 212 27.86 -5.72 9.01
C THR B 212 28.98 -6.53 9.67
N ALA B 213 29.41 -7.66 9.11
CA ALA B 213 30.53 -8.42 9.70
C ALA B 213 31.76 -7.53 9.79
N LYS B 214 32.06 -6.84 8.69
CA LYS B 214 33.19 -5.88 8.64
C LYS B 214 33.08 -4.88 9.75
N ALA B 215 31.92 -4.24 9.84
CA ALA B 215 31.72 -3.20 10.86
C ALA B 215 31.79 -3.79 12.24
N LEU B 216 31.17 -4.93 12.47
CA LEU B 216 31.18 -5.50 13.81
C LEU B 216 32.56 -5.95 14.23
N SER B 217 33.38 -6.42 13.28
CA SER B 217 34.73 -6.87 13.65
C SER B 217 35.56 -5.74 14.20
N LYS B 218 35.33 -4.53 13.70
CA LYS B 218 36.07 -3.32 14.06
C LYS B 218 35.54 -2.52 15.27
N LYS B 219 34.30 -2.74 15.71
CA LYS B 219 33.76 -1.94 16.83
C LYS B 219 34.38 -2.35 18.15
N LYS B 220 34.73 -1.36 18.96
CA LYS B 220 35.24 -1.60 20.30
C LYS B 220 34.26 -1.13 21.34
#